data_7BH7
#
_entry.id   7BH7
#
_cell.length_a   45.258
_cell.length_b   45.975
_cell.length_c   119.032
_cell.angle_alpha   90.000
_cell.angle_beta   90.000
_cell.angle_gamma   90.000
#
_symmetry.space_group_name_H-M   'P 21 21 21'
#
loop_
_entity.id
_entity.type
_entity.pdbx_description
1 polymer Beta-lactamase
2 non-polymer '(2~{S},3~{R},4~{R})-3-[5-[(3-carboxyphenyl)carbamoyl]pyrrolidin-3-yl]sulfanyl-4-methyl-5-[(2~{S},3~{R})-3-oxidanyl-1-oxidanylidene-butan-2-yl]-3,4-dihydro-2~{H}-pyrrole-2-carboxylic acid'
3 non-polymer 'CHLORIDE ION'
4 non-polymer 'SODIUM ION'
5 water water
#
_entity_poly.entity_id   1
_entity_poly.type   'polypeptide(L)'
_entity_poly.pdbx_seq_one_letter_code
;GPQTADVQQKLAELERQSGGRLGVALINTADNSQILYRADERFAMCSTSKVMAAAAVLKKSESEPNLLNQRVEIKKSDLV
NYNPIAEKHVNGTMSLAELSAAALQYSDNVAMNKLIAHVGGPASVTAFARQLGDETFRLDRTEPTLNTAIPGDPRDTTSP
RAMAQTLRNLTLGKALGDSQRAQLVTWMKGNTTGAASIQAGLPASWVVGDKTGSGGYGTTNDIAVIWPKDRAPLILVTYF
TQPQPKAESRRDVLASAAKIVTDGL
;
_entity_poly.pdbx_strand_id   A
#
loop_
_chem_comp.id
_chem_comp.type
_chem_comp.name
_chem_comp.formula
CL non-polymer 'CHLORIDE ION' 'Cl -1'
NA non-polymer 'SODIUM ION' 'Na 1'
TVE non-polymer '(2~{S},3~{R},4~{R})-3-[5-[(3-carboxyphenyl)carbamoyl]pyrrolidin-3-yl]sulfanyl-4-methyl-5-[(2~{S},3~{R})-3-oxidanyl-1-oxidanylidene-butan-2-yl]-3,4-dihydro-2~{H}-pyrrole-2-carboxylic acid' 'C22 H27 N3 O7 S'
#
# COMPACT_ATOMS: atom_id res chain seq x y z
CA ALA A 5 -3.18 -26.17 7.07
C ALA A 5 -3.16 -25.56 8.47
N ASP A 6 -2.06 -25.78 9.19
CA ASP A 6 -1.98 -25.32 10.58
C ASP A 6 -1.93 -23.79 10.66
N VAL A 7 -1.24 -23.14 9.73
CA VAL A 7 -1.21 -21.67 9.73
C VAL A 7 -2.61 -21.12 9.48
N GLN A 8 -3.39 -21.81 8.63
CA GLN A 8 -4.75 -21.37 8.34
C GLN A 8 -5.63 -21.40 9.58
N GLN A 9 -5.49 -22.45 10.39
CA GLN A 9 -6.23 -22.54 11.65
C GLN A 9 -5.90 -21.35 12.55
N LYS A 10 -4.61 -21.02 12.66
CA LYS A 10 -4.23 -19.93 13.55
C LYS A 10 -4.77 -18.60 13.04
N LEU A 11 -4.83 -18.42 11.72
CA LEU A 11 -5.38 -17.18 11.18
C LEU A 11 -6.88 -17.12 11.36
N ALA A 12 -7.57 -18.26 11.19
CA ALA A 12 -9.00 -18.26 11.45
C ALA A 12 -9.27 -17.91 12.91
N GLU A 13 -8.44 -18.41 13.82
CA GLU A 13 -8.61 -18.12 15.24
C GLU A 13 -8.32 -16.66 15.54
N LEU A 14 -7.25 -16.11 14.95
CA LEU A 14 -6.98 -14.68 15.11
C LEU A 14 -8.16 -13.87 14.63
N GLU A 15 -8.68 -14.21 13.46
CA GLU A 15 -9.82 -13.49 12.91
C GLU A 15 -11.01 -13.52 13.87
N ARG A 16 -11.40 -14.71 14.32
CA ARG A 16 -12.52 -14.84 15.24
C ARG A 16 -12.30 -14.01 16.49
N GLN A 17 -11.10 -14.11 17.08
CA GLN A 17 -10.81 -13.37 18.31
C GLN A 17 -10.85 -11.87 18.07
N SER A 18 -10.50 -11.42 16.87
CA SER A 18 -10.47 -10.01 16.54
C SER A 18 -11.85 -9.41 16.31
N GLY A 19 -12.82 -10.24 15.93
CA GLY A 19 -14.15 -9.77 15.65
C GLY A 19 -14.36 -9.16 14.28
N GLY A 20 -13.32 -9.12 13.44
CA GLY A 20 -13.43 -8.53 12.11
C GLY A 20 -13.22 -9.53 10.99
N ARG A 21 -12.79 -9.01 9.84
CA ARG A 21 -12.57 -9.79 8.63
C ARG A 21 -11.13 -9.55 8.21
N LEU A 22 -10.36 -10.63 8.13
CA LEU A 22 -8.92 -10.60 7.89
C LEU A 22 -8.58 -11.20 6.53
N GLY A 23 -7.75 -10.49 5.74
CA GLY A 23 -7.29 -11.01 4.48
C GLY A 23 -5.77 -11.00 4.47
N VAL A 24 -5.18 -12.12 4.12
CA VAL A 24 -3.72 -12.28 4.17
C VAL A 24 -3.25 -12.95 2.88
N ALA A 25 -2.14 -12.44 2.34
CA ALA A 25 -1.45 -13.17 1.28
C ALA A 25 0.03 -13.00 1.48
N LEU A 26 0.73 -14.10 1.63
CA LEU A 26 2.19 -14.18 1.73
C LEU A 26 2.72 -14.88 0.49
N ILE A 27 3.71 -14.28 -0.16
CA ILE A 27 4.48 -14.94 -1.21
C ILE A 27 5.90 -15.13 -0.69
N ASN A 28 6.37 -16.37 -0.66
CA ASN A 28 7.75 -16.68 -0.33
C ASN A 28 8.51 -16.90 -1.63
N THR A 29 9.40 -15.98 -1.99
CA THR A 29 10.07 -16.12 -3.27
C THR A 29 11.18 -17.17 -3.23
N ALA A 30 11.47 -17.74 -2.07
CA ALA A 30 12.42 -18.84 -2.02
C ALA A 30 11.93 -20.02 -2.84
N ASP A 31 10.64 -20.34 -2.73
CA ASP A 31 10.08 -21.51 -3.38
C ASP A 31 8.79 -21.20 -4.12
N ASN A 32 8.47 -19.91 -4.33
CA ASN A 32 7.26 -19.49 -5.02
C ASN A 32 6.00 -20.02 -4.33
N SER A 33 6.06 -20.24 -3.03
CA SER A 33 4.89 -20.73 -2.32
C SER A 33 4.08 -19.54 -1.77
N GLN A 34 2.83 -19.81 -1.47
CA GLN A 34 1.91 -18.79 -1.00
C GLN A 34 1.20 -19.29 0.24
N ILE A 35 0.88 -18.38 1.15
CA ILE A 35 -0.05 -18.63 2.23
C ILE A 35 -1.19 -17.63 2.06
N LEU A 36 -2.42 -18.13 1.95
CA LEU A 36 -3.55 -17.30 1.57
C LEU A 36 -4.68 -17.48 2.57
N TYR A 37 -5.35 -16.37 2.90
CA TYR A 37 -6.50 -16.38 3.79
C TYR A 37 -7.43 -15.26 3.35
N ARG A 38 -8.63 -15.65 2.91
CA ARG A 38 -9.58 -14.74 2.30
C ARG A 38 -8.93 -13.95 1.18
N ALA A 39 -8.03 -14.60 0.45
CA ALA A 39 -7.13 -13.83 -0.41
C ALA A 39 -7.77 -13.36 -1.71
N ASP A 40 -8.95 -13.88 -2.06
CA ASP A 40 -9.68 -13.38 -3.21
C ASP A 40 -10.88 -12.49 -2.85
N GLU A 41 -11.06 -12.14 -1.58
CA GLU A 41 -12.10 -11.20 -1.19
C GLU A 41 -11.58 -9.78 -1.36
N ARG A 42 -12.50 -8.84 -1.59
CA ARG A 42 -12.16 -7.44 -1.72
C ARG A 42 -12.12 -6.75 -0.37
N PHE A 43 -11.14 -5.90 -0.21
CA PHE A 43 -10.96 -5.04 0.95
C PHE A 43 -10.63 -3.62 0.48
N ALA A 44 -11.11 -2.62 1.23
CA ALA A 44 -10.75 -1.24 0.93
C ALA A 44 -9.26 -1.04 1.14
N MET A 45 -8.57 -0.49 0.15
CA MET A 45 -7.13 -0.32 0.23
C MET A 45 -6.73 0.80 1.17
N CYS A 46 -7.56 1.85 1.26
CA CYS A 46 -7.19 3.07 1.98
C CYS A 46 -5.81 3.54 1.50
N SER A 47 -4.93 3.95 2.39
CA SER A 47 -3.69 4.59 1.95
C SER A 47 -2.73 3.62 1.26
N THR A 48 -2.97 2.32 1.27
CA THR A 48 -2.04 1.41 0.58
C THR A 48 -2.10 1.63 -0.92
N SER A 49 -3.16 2.29 -1.42
CA SER A 49 -3.28 2.58 -2.84
C SER A 49 -2.22 3.58 -3.30
N LYS A 50 -1.58 4.28 -2.37
CA LYS A 50 -0.57 5.26 -2.76
C LYS A 50 0.60 4.61 -3.46
N VAL A 51 0.87 3.33 -3.19
CA VAL A 51 1.96 2.67 -3.87
C VAL A 51 1.71 2.65 -5.37
N MET A 52 0.46 2.40 -5.78
N MET A 52 0.46 2.41 -5.77
CA MET A 52 0.17 2.26 -7.20
CA MET A 52 0.16 2.27 -7.19
C MET A 52 0.23 3.59 -7.91
C MET A 52 0.24 3.60 -7.91
N ALA A 53 -0.17 4.68 -7.24
CA ALA A 53 -0.07 6.00 -7.87
C ALA A 53 1.39 6.39 -8.04
N ALA A 54 2.22 6.16 -7.02
CA ALA A 54 3.65 6.45 -7.15
C ALA A 54 4.29 5.61 -8.24
N ALA A 55 3.90 4.32 -8.32
CA ALA A 55 4.45 3.46 -9.35
C ALA A 55 4.04 3.93 -10.74
N ALA A 56 2.83 4.45 -10.88
CA ALA A 56 2.42 4.90 -12.20
C ALA A 56 3.23 6.11 -12.66
N VAL A 57 3.58 6.99 -11.73
CA VAL A 57 4.41 8.14 -12.07
C VAL A 57 5.82 7.70 -12.40
N LEU A 58 6.36 6.75 -11.65
CA LEU A 58 7.70 6.25 -11.96
C LEU A 58 7.73 5.61 -13.34
N LYS A 59 6.68 4.86 -13.70
CA LYS A 59 6.62 4.26 -15.04
C LYS A 59 6.65 5.33 -16.11
N LYS A 60 5.92 6.42 -15.88
CA LYS A 60 5.89 7.55 -16.80
C LYS A 60 7.27 8.16 -16.97
N SER A 61 8.07 8.19 -15.89
CA SER A 61 9.39 8.79 -15.95
C SER A 61 10.39 8.00 -16.76
N GLU A 62 10.11 6.73 -17.08
CA GLU A 62 10.97 5.96 -17.96
C GLU A 62 11.00 6.57 -19.37
N SER A 63 9.91 7.16 -19.80
CA SER A 63 9.84 7.82 -21.11
C SER A 63 10.20 9.30 -21.05
N GLU A 64 9.88 9.99 -19.95
CA GLU A 64 10.20 11.40 -19.74
C GLU A 64 11.18 11.51 -18.57
N PRO A 65 12.48 11.42 -18.82
CA PRO A 65 13.43 11.23 -17.70
C PRO A 65 13.54 12.41 -16.75
N ASN A 66 13.18 13.63 -17.14
CA ASN A 66 13.19 14.77 -16.23
C ASN A 66 11.86 14.94 -15.48
N LEU A 67 10.93 13.99 -15.65
CA LEU A 67 9.60 14.11 -15.04
C LEU A 67 9.66 14.32 -13.52
N LEU A 68 10.52 13.58 -12.83
CA LEU A 68 10.45 13.65 -11.37
C LEU A 68 10.94 15.00 -10.86
N ASN A 69 11.62 15.78 -11.69
CA ASN A 69 12.06 17.11 -11.31
C ASN A 69 10.99 18.19 -11.55
N GLN A 70 9.89 17.83 -12.21
CA GLN A 70 8.87 18.82 -12.55
C GLN A 70 8.23 19.31 -11.25
N ARG A 71 7.98 20.62 -11.18
CA ARG A 71 7.45 21.22 -9.96
C ARG A 71 5.93 21.38 -10.08
N VAL A 72 5.27 21.23 -8.94
CA VAL A 72 3.81 21.33 -8.83
C VAL A 72 3.50 22.36 -7.75
N GLU A 73 2.61 23.31 -8.03
CA GLU A 73 2.22 24.28 -7.02
C GLU A 73 1.33 23.63 -5.97
N ILE A 74 1.51 24.04 -4.72
CA ILE A 74 0.66 23.66 -3.59
C ILE A 74 -0.09 24.91 -3.15
N LYS A 75 -1.41 24.89 -3.27
CA LYS A 75 -2.27 26.00 -2.89
C LYS A 75 -3.11 25.63 -1.67
N LYS A 76 -3.59 26.65 -0.95
CA LYS A 76 -4.48 26.38 0.17
C LYS A 76 -5.66 25.53 -0.27
N SER A 77 -6.16 25.75 -1.49
CA SER A 77 -7.30 25.00 -1.98
C SER A 77 -7.00 23.52 -2.16
N ASP A 78 -5.71 23.13 -2.17
CA ASP A 78 -5.34 21.74 -2.32
C ASP A 78 -5.43 20.96 -1.01
N LEU A 79 -5.49 21.65 0.13
CA LEU A 79 -5.37 20.94 1.39
C LEU A 79 -6.63 20.11 1.61
N VAL A 80 -6.42 18.91 2.12
CA VAL A 80 -7.56 18.04 2.43
C VAL A 80 -7.42 17.70 3.91
N ASN A 81 -7.51 16.43 4.27
CA ASN A 81 -7.67 16.09 5.69
C ASN A 81 -6.36 15.84 6.43
N TYR A 82 -5.35 15.32 5.73
CA TYR A 82 -4.09 14.88 6.36
C TYR A 82 -2.97 15.21 5.37
N ASN A 83 -2.19 16.25 5.68
CA ASN A 83 -1.23 16.75 4.71
C ASN A 83 0.02 17.24 5.46
N PRO A 84 0.69 16.36 6.18
CA PRO A 84 1.78 16.80 7.08
C PRO A 84 2.95 17.43 6.36
N ILE A 85 3.18 17.06 5.10
CA ILE A 85 4.27 17.61 4.31
C ILE A 85 3.79 18.76 3.44
N ALA A 86 2.68 18.56 2.74
CA ALA A 86 2.22 19.61 1.84
C ALA A 86 1.90 20.90 2.56
N GLU A 87 1.38 20.82 3.79
CA GLU A 87 1.01 22.05 4.49
C GLU A 87 2.23 22.91 4.76
N LYS A 88 3.44 22.34 4.75
CA LYS A 88 4.66 23.11 4.96
C LYS A 88 5.13 23.83 3.70
N HIS A 89 4.51 23.58 2.56
CA HIS A 89 4.93 24.07 1.25
C HIS A 89 3.83 24.85 0.55
N VAL A 90 2.78 25.25 1.27
CA VAL A 90 1.72 26.04 0.68
C VAL A 90 2.30 27.33 0.11
N ASN A 91 1.84 27.68 -1.09
CA ASN A 91 2.27 28.82 -1.88
C ASN A 91 3.66 28.65 -2.47
N GLY A 92 4.26 27.47 -2.34
CA GLY A 92 5.47 27.16 -3.08
C GLY A 92 5.20 25.98 -3.98
N THR A 93 6.25 25.36 -4.48
CA THR A 93 6.12 24.15 -5.29
C THR A 93 6.88 23.01 -4.63
N MET A 94 6.51 21.80 -5.03
CA MET A 94 7.22 20.58 -4.70
C MET A 94 7.43 19.84 -6.01
N SER A 95 8.55 19.13 -6.10
CA SER A 95 8.78 18.29 -7.27
C SER A 95 7.94 17.03 -7.16
N LEU A 96 7.75 16.37 -8.31
CA LEU A 96 7.06 15.08 -8.32
C LEU A 96 7.81 14.03 -7.52
N ALA A 97 9.16 14.08 -7.48
CA ALA A 97 9.90 13.18 -6.59
C ALA A 97 9.53 13.42 -5.13
N GLU A 98 9.47 14.69 -4.73
CA GLU A 98 9.17 14.99 -3.33
C GLU A 98 7.74 14.60 -2.98
N LEU A 99 6.81 14.80 -3.92
CA LEU A 99 5.43 14.40 -3.67
C LEU A 99 5.34 12.89 -3.55
N SER A 100 6.06 12.16 -4.41
CA SER A 100 6.05 10.71 -4.34
C SER A 100 6.56 10.23 -2.99
N ALA A 101 7.66 10.81 -2.52
CA ALA A 101 8.23 10.43 -1.23
C ALA A 101 7.27 10.77 -0.10
N ALA A 102 6.67 11.95 -0.17
CA ALA A 102 5.68 12.34 0.85
C ALA A 102 4.52 11.38 0.90
N ALA A 103 3.99 11.01 -0.26
CA ALA A 103 2.86 10.07 -0.29
C ALA A 103 3.24 8.74 0.35
N LEU A 104 4.41 8.23 0.03
CA LEU A 104 4.74 6.87 0.47
C LEU A 104 5.25 6.84 1.91
N GLN A 105 6.03 7.85 2.32
CA GLN A 105 6.71 7.78 3.60
C GLN A 105 5.95 8.45 4.72
N TYR A 106 5.05 9.40 4.39
CA TYR A 106 4.22 10.08 5.37
C TYR A 106 2.72 9.96 5.09
N SER A 107 2.33 9.39 3.95
CA SER A 107 0.93 9.19 3.62
C SER A 107 0.22 10.51 3.43
N ASP A 108 0.93 11.48 2.87
CA ASP A 108 0.37 12.81 2.64
C ASP A 108 -0.69 12.74 1.56
N ASN A 109 -1.91 13.23 1.87
CA ASN A 109 -3.04 13.08 0.95
C ASN A 109 -3.02 14.11 -0.17
N VAL A 110 -2.44 15.29 0.05
CA VAL A 110 -2.24 16.21 -1.06
C VAL A 110 -1.28 15.61 -2.07
N ALA A 111 -0.22 14.98 -1.58
CA ALA A 111 0.75 14.36 -2.47
C ALA A 111 0.05 13.30 -3.32
N MET A 112 -0.76 12.45 -2.69
CA MET A 112 -1.52 11.47 -3.43
C MET A 112 -2.39 12.14 -4.51
N ASN A 113 -3.13 13.17 -4.14
CA ASN A 113 -4.01 13.78 -5.14
C ASN A 113 -3.22 14.39 -6.28
N LYS A 114 -2.03 14.93 -6.00
CA LYS A 114 -1.24 15.49 -7.09
C LYS A 114 -0.70 14.40 -8.00
N LEU A 115 -0.31 13.25 -7.45
CA LEU A 115 0.10 12.13 -8.28
C LEU A 115 -1.06 11.64 -9.14
N ILE A 116 -2.23 11.49 -8.54
CA ILE A 116 -3.41 11.05 -9.30
C ILE A 116 -3.66 12.00 -10.47
N ALA A 117 -3.68 13.31 -10.18
CA ALA A 117 -3.98 14.29 -11.20
C ALA A 117 -2.95 14.26 -12.33
N HIS A 118 -1.69 14.03 -11.97
CA HIS A 118 -0.65 14.04 -12.99
C HIS A 118 -0.86 12.94 -14.02
N VAL A 119 -1.25 11.74 -13.58
CA VAL A 119 -1.36 10.61 -14.51
C VAL A 119 -2.74 10.54 -15.16
N GLY A 120 -3.66 11.37 -14.74
CA GLY A 120 -4.91 11.51 -15.41
C GLY A 120 -6.12 11.04 -14.64
N GLY A 121 -6.02 10.91 -13.32
CA GLY A 121 -7.17 10.57 -12.53
C GLY A 121 -7.20 9.10 -12.15
N PRO A 122 -8.20 8.72 -11.36
CA PRO A 122 -8.23 7.34 -10.83
C PRO A 122 -8.33 6.28 -11.91
N ALA A 123 -8.99 6.55 -13.03
CA ALA A 123 -9.13 5.55 -14.07
C ALA A 123 -7.79 5.30 -14.75
N SER A 124 -6.91 6.29 -14.71
CA SER A 124 -5.59 6.14 -15.30
CA SER A 124 -5.59 6.16 -15.30
C SER A 124 -4.68 5.31 -14.41
N VAL A 125 -4.78 5.46 -13.08
CA VAL A 125 -4.05 4.58 -12.17
C VAL A 125 -4.56 3.16 -12.35
N THR A 126 -5.87 3.01 -12.51
CA THR A 126 -6.43 1.67 -12.69
C THR A 126 -5.95 1.05 -13.99
N ALA A 127 -5.88 1.84 -15.08
CA ALA A 127 -5.40 1.35 -16.35
C ALA A 127 -3.94 0.93 -16.25
N PHE A 128 -3.15 1.62 -15.46
CA PHE A 128 -1.76 1.19 -15.22
C PHE A 128 -1.72 -0.19 -14.58
N ALA A 129 -2.58 -0.42 -13.58
CA ALA A 129 -2.65 -1.72 -12.94
C ALA A 129 -3.00 -2.81 -13.94
N ARG A 130 -3.95 -2.52 -14.84
CA ARG A 130 -4.31 -3.51 -15.85
C ARG A 130 -3.13 -3.85 -16.75
N GLN A 131 -2.35 -2.83 -17.13
CA GLN A 131 -1.14 -3.00 -17.95
C GLN A 131 -0.19 -4.01 -17.33
N LEU A 132 -0.16 -4.08 -16.01
CA LEU A 132 0.73 -4.97 -15.28
C LEU A 132 0.19 -6.38 -15.10
N GLY A 133 -1.03 -6.64 -15.55
CA GLY A 133 -1.64 -7.94 -15.33
C GLY A 133 -2.51 -8.05 -14.11
N ASP A 134 -2.85 -6.92 -13.49
CA ASP A 134 -3.70 -6.90 -12.31
C ASP A 134 -5.09 -6.47 -12.74
N GLU A 135 -6.02 -7.42 -12.77
CA GLU A 135 -7.39 -7.12 -13.19
C GLU A 135 -8.34 -6.95 -12.01
N THR A 136 -7.82 -6.86 -10.79
CA THR A 136 -8.61 -6.78 -9.57
C THR A 136 -8.61 -5.39 -8.95
N PHE A 137 -7.43 -4.77 -8.92
CA PHE A 137 -7.27 -3.42 -8.42
C PHE A 137 -8.24 -2.46 -9.05
N ARG A 138 -8.86 -1.64 -8.24
CA ARG A 138 -9.61 -0.52 -8.79
C ARG A 138 -9.46 0.68 -7.88
N LEU A 139 -9.09 1.82 -8.47
CA LEU A 139 -9.06 3.12 -7.80
C LEU A 139 -10.15 3.93 -8.47
N ASP A 140 -11.10 4.37 -7.66
CA ASP A 140 -12.34 5.01 -8.09
C ASP A 140 -12.36 6.49 -7.77
N ARG A 141 -11.81 6.87 -6.62
CA ARG A 141 -11.98 8.19 -6.05
C ARG A 141 -10.63 8.77 -5.71
N THR A 142 -10.63 10.07 -5.40
CA THR A 142 -9.46 10.82 -4.96
C THR A 142 -9.50 10.91 -3.43
N GLU A 143 -8.48 11.51 -2.85
CA GLU A 143 -8.53 11.76 -1.41
C GLU A 143 -9.43 12.97 -1.14
N PRO A 144 -10.16 12.96 -0.01
CA PRO A 144 -10.08 11.94 1.05
C PRO A 144 -11.12 10.83 0.98
N THR A 145 -11.99 10.87 -0.02
CA THR A 145 -13.17 10.01 0.04
C THR A 145 -12.87 8.55 -0.30
N LEU A 146 -11.68 8.24 -0.81
CA LEU A 146 -11.38 6.86 -1.18
C LEU A 146 -11.19 5.97 0.07
N ASN A 147 -11.22 6.54 1.26
CA ASN A 147 -10.99 5.78 2.50
C ASN A 147 -12.25 5.44 3.27
N THR A 148 -13.45 5.57 2.67
CA THR A 148 -14.67 5.36 3.45
C THR A 148 -14.84 3.90 3.90
N ALA A 149 -14.41 2.95 3.08
CA ALA A 149 -14.33 1.54 3.46
C ALA A 149 -15.68 1.00 3.95
N ILE A 150 -16.74 1.35 3.24
CA ILE A 150 -18.07 0.85 3.58
C ILE A 150 -18.16 -0.63 3.23
N PRO A 151 -18.67 -1.48 4.13
CA PRO A 151 -18.77 -2.91 3.80
C PRO A 151 -19.64 -3.14 2.58
N GLY A 152 -19.16 -4.00 1.69
CA GLY A 152 -19.87 -4.33 0.48
C GLY A 152 -19.68 -3.35 -0.65
N ASP A 153 -18.95 -2.28 -0.43
CA ASP A 153 -18.71 -1.27 -1.45
C ASP A 153 -17.45 -1.63 -2.21
N PRO A 154 -17.51 -1.87 -3.53
CA PRO A 154 -16.31 -2.30 -4.26
C PRO A 154 -15.39 -1.17 -4.63
N ARG A 155 -15.78 0.09 -4.42
CA ARG A 155 -14.93 1.17 -4.85
C ARG A 155 -13.62 1.16 -4.06
N ASP A 156 -12.52 1.40 -4.77
CA ASP A 156 -11.22 1.60 -4.12
C ASP A 156 -10.81 0.37 -3.34
N THR A 157 -11.05 -0.80 -3.94
CA THR A 157 -10.74 -2.08 -3.34
C THR A 157 -9.78 -2.90 -4.19
N THR A 158 -9.13 -3.87 -3.53
CA THR A 158 -8.46 -4.95 -4.23
C THR A 158 -8.53 -6.18 -3.33
N SER A 159 -7.90 -7.27 -3.79
CA SER A 159 -7.81 -8.46 -2.99
C SER A 159 -6.39 -8.65 -2.47
N PRO A 160 -6.23 -9.38 -1.36
CA PRO A 160 -4.87 -9.67 -0.87
C PRO A 160 -4.02 -10.38 -1.93
N ARG A 161 -4.58 -11.36 -2.63
CA ARG A 161 -3.81 -12.08 -3.63
C ARG A 161 -3.30 -11.13 -4.72
N ALA A 162 -4.19 -10.31 -5.25
CA ALA A 162 -3.80 -9.45 -6.36
C ALA A 162 -2.77 -8.41 -5.92
N MET A 163 -2.94 -7.82 -4.74
N MET A 163 -2.94 -7.82 -4.74
CA MET A 163 -1.98 -6.81 -4.30
CA MET A 163 -1.98 -6.82 -4.29
C MET A 163 -0.62 -7.43 -4.01
C MET A 163 -0.62 -7.43 -4.01
N ALA A 164 -0.58 -8.64 -3.45
CA ALA A 164 0.69 -9.29 -3.23
C ALA A 164 1.40 -9.59 -4.53
N GLN A 165 0.67 -10.08 -5.53
CA GLN A 165 1.33 -10.38 -6.79
C GLN A 165 1.79 -9.10 -7.48
N THR A 166 0.97 -8.05 -7.46
CA THR A 166 1.39 -6.80 -8.06
C THR A 166 2.57 -6.20 -7.32
N LEU A 167 2.54 -6.22 -5.98
CA LEU A 167 3.67 -5.70 -5.24
C LEU A 167 4.95 -6.47 -5.56
N ARG A 168 4.86 -7.80 -5.72
CA ARG A 168 6.03 -8.56 -6.14
C ARG A 168 6.56 -8.06 -7.48
N ASN A 169 5.66 -7.83 -8.44
CA ASN A 169 6.09 -7.35 -9.75
C ASN A 169 6.78 -6.00 -9.62
N LEU A 170 6.21 -5.10 -8.82
CA LEU A 170 6.73 -3.74 -8.72
C LEU A 170 8.08 -3.70 -8.02
N THR A 171 8.27 -4.50 -6.96
CA THR A 171 9.46 -4.32 -6.12
C THR A 171 10.55 -5.35 -6.36
N LEU A 172 10.19 -6.55 -6.76
CA LEU A 172 11.12 -7.64 -6.99
C LEU A 172 11.18 -8.06 -8.45
N GLY A 173 10.18 -7.70 -9.22
CA GLY A 173 10.07 -8.05 -10.62
C GLY A 173 10.53 -6.92 -11.50
N LYS A 174 10.10 -6.98 -12.76
CA LYS A 174 10.62 -6.08 -13.79
C LYS A 174 9.54 -5.15 -14.36
N ALA A 175 8.49 -4.89 -13.59
CA ALA A 175 7.46 -3.95 -14.02
C ALA A 175 8.05 -2.58 -14.30
N LEU A 176 9.03 -2.17 -13.48
CA LEU A 176 9.69 -0.88 -13.62
C LEU A 176 11.15 -1.06 -14.01
N GLY A 177 11.70 -0.05 -14.67
CA GLY A 177 13.13 -0.05 -14.95
C GLY A 177 13.96 -0.11 -13.69
N ASP A 178 15.24 -0.45 -13.84
CA ASP A 178 16.07 -0.67 -12.67
C ASP A 178 16.12 0.57 -11.77
N SER A 179 16.34 1.75 -12.37
CA SER A 179 16.44 2.94 -11.54
C SER A 179 15.13 3.22 -10.82
N GLN A 180 14.02 2.99 -11.50
CA GLN A 180 12.72 3.31 -10.94
C GLN A 180 12.34 2.33 -9.84
N ARG A 181 12.65 1.05 -10.06
CA ARG A 181 12.37 0.03 -9.05
C ARG A 181 13.19 0.29 -7.81
N ALA A 182 14.48 0.61 -7.98
CA ALA A 182 15.31 0.95 -6.83
C ALA A 182 14.75 2.15 -6.08
N GLN A 183 14.22 3.13 -6.81
CA GLN A 183 13.68 4.31 -6.13
C GLN A 183 12.42 3.95 -5.33
N LEU A 184 11.55 3.13 -5.89
CA LEU A 184 10.35 2.74 -5.17
C LEU A 184 10.70 1.98 -3.90
N VAL A 185 11.65 1.04 -3.98
CA VAL A 185 12.05 0.26 -2.81
C VAL A 185 12.68 1.16 -1.76
N THR A 186 13.54 2.06 -2.19
CA THR A 186 14.15 3.02 -1.27
C THR A 186 13.10 3.83 -0.51
N TRP A 187 12.11 4.36 -1.23
CA TRP A 187 11.06 5.11 -0.57
C TRP A 187 10.30 4.26 0.43
N MET A 188 9.93 3.03 0.04
CA MET A 188 9.15 2.18 0.95
C MET A 188 9.97 1.76 2.17
N LYS A 189 11.28 1.50 2.00
CA LYS A 189 12.14 1.24 3.16
C LYS A 189 12.22 2.41 4.10
N GLY A 190 11.94 3.62 3.61
CA GLY A 190 11.99 4.83 4.38
C GLY A 190 10.66 5.25 4.99
N ASN A 191 9.66 4.38 4.90
CA ASN A 191 8.36 4.68 5.48
C ASN A 191 8.51 4.99 6.96
N THR A 192 7.79 6.01 7.42
CA THR A 192 7.83 6.41 8.81
C THR A 192 6.67 5.89 9.63
N THR A 193 5.66 5.28 9.01
CA THR A 193 4.41 5.00 9.69
C THR A 193 4.14 3.54 10.01
N GLY A 194 5.06 2.62 9.72
CA GLY A 194 4.77 1.20 9.75
C GLY A 194 5.25 0.38 10.92
N ALA A 195 5.89 1.02 11.92
CA ALA A 195 6.58 0.23 12.94
C ALA A 195 5.62 -0.62 13.77
N ALA A 196 4.38 -0.18 13.93
CA ALA A 196 3.43 -0.91 14.78
C ALA A 196 2.64 -1.97 14.04
N SER A 197 2.82 -2.12 12.72
CA SER A 197 1.99 -3.03 11.94
C SER A 197 2.76 -4.31 11.63
N ILE A 198 2.96 -4.65 10.34
CA ILE A 198 3.65 -5.91 10.04
C ILE A 198 5.00 -6.00 10.75
N GLN A 199 5.77 -4.90 10.74
CA GLN A 199 7.10 -4.91 11.34
CA GLN A 199 7.10 -4.93 11.33
C GLN A 199 7.08 -5.35 12.79
N ALA A 200 5.99 -5.06 13.52
CA ALA A 200 5.92 -5.39 14.94
C ALA A 200 5.80 -6.88 15.20
N GLY A 201 5.44 -7.67 14.19
CA GLY A 201 5.38 -9.11 14.31
C GLY A 201 6.58 -9.84 13.75
N LEU A 202 7.62 -9.12 13.32
CA LEU A 202 8.80 -9.72 12.72
C LEU A 202 10.03 -9.54 13.57
N PRO A 203 11.05 -10.38 13.38
CA PRO A 203 12.31 -10.18 14.10
C PRO A 203 12.89 -8.80 13.82
N ALA A 204 13.57 -8.27 14.84
CA ALA A 204 14.15 -6.94 14.74
C ALA A 204 15.15 -6.81 13.62
N SER A 205 15.85 -7.90 13.25
CA SER A 205 16.92 -7.84 12.26
C SER A 205 16.40 -7.84 10.84
N TRP A 206 15.11 -8.08 10.61
CA TRP A 206 14.63 -8.14 9.25
C TRP A 206 14.38 -6.73 8.73
N VAL A 207 14.53 -6.57 7.43
CA VAL A 207 14.36 -5.28 6.76
C VAL A 207 13.01 -5.26 6.04
N VAL A 208 12.26 -4.17 6.23
CA VAL A 208 10.91 -4.07 5.72
C VAL A 208 10.75 -2.77 4.94
N GLY A 209 10.11 -2.87 3.79
CA GLY A 209 9.56 -1.72 3.11
C GLY A 209 8.06 -1.89 3.09
N ASP A 210 7.31 -0.92 3.59
CA ASP A 210 5.88 -1.16 3.70
C ASP A 210 5.11 0.14 3.47
N LYS A 211 3.81 -0.02 3.23
CA LYS A 211 2.86 1.09 3.21
C LYS A 211 1.63 0.70 4.01
N THR A 212 1.32 1.51 5.03
CA THR A 212 0.16 1.31 5.88
C THR A 212 -1.07 2.03 5.33
N GLY A 213 -2.23 1.66 5.87
CA GLY A 213 -3.41 2.44 5.65
C GLY A 213 -4.42 2.14 6.73
N SER A 214 -5.33 3.09 6.91
CA SER A 214 -6.46 2.89 7.80
C SER A 214 -7.61 3.76 7.30
N GLY A 215 -8.79 3.43 7.76
CA GLY A 215 -9.97 4.09 7.21
C GLY A 215 -11.18 3.78 8.04
N GLY A 216 -12.34 3.95 7.42
CA GLY A 216 -13.59 3.70 8.11
C GLY A 216 -13.74 2.26 8.51
N TYR A 217 -14.70 2.03 9.41
CA TYR A 217 -15.00 0.69 9.88
C TYR A 217 -13.75 0.00 10.42
N GLY A 218 -12.88 0.78 11.05
CA GLY A 218 -11.72 0.21 11.71
C GLY A 218 -10.77 -0.47 10.76
N THR A 219 -10.78 -0.06 9.50
CA THR A 219 -9.94 -0.71 8.49
C THR A 219 -8.50 -0.39 8.80
N THR A 220 -7.68 -1.46 8.85
CA THR A 220 -6.28 -1.38 9.25
C THR A 220 -5.50 -2.26 8.30
N ASN A 221 -4.62 -1.67 7.50
CA ASN A 221 -3.95 -2.37 6.42
C ASN A 221 -2.45 -2.14 6.46
N ASP A 222 -1.72 -3.09 5.85
CA ASP A 222 -0.28 -2.91 5.62
C ASP A 222 0.11 -3.83 4.49
N ILE A 223 0.95 -3.34 3.58
CA ILE A 223 1.51 -4.16 2.51
C ILE A 223 3.01 -3.98 2.56
N ALA A 224 3.75 -5.08 2.42
CA ALA A 224 5.17 -5.04 2.72
C ALA A 224 5.98 -5.95 1.81
N VAL A 225 7.19 -5.50 1.48
CA VAL A 225 8.27 -6.34 0.98
C VAL A 225 9.26 -6.50 2.11
N ILE A 226 9.65 -7.75 2.39
CA ILE A 226 10.42 -8.12 3.56
C ILE A 226 11.70 -8.82 3.12
N TRP A 227 12.83 -8.37 3.65
CA TRP A 227 14.11 -9.07 3.46
C TRP A 227 14.54 -9.70 4.77
N PRO A 228 14.25 -10.98 4.99
CA PRO A 228 14.74 -11.64 6.19
C PRO A 228 16.24 -11.82 6.11
N LYS A 229 16.85 -11.98 7.27
CA LYS A 229 18.27 -12.27 7.36
C LYS A 229 18.56 -13.60 6.69
N ASP A 230 19.44 -13.56 5.69
CA ASP A 230 19.97 -14.77 5.05
C ASP A 230 18.90 -15.60 4.35
N ARG A 231 17.80 -14.97 3.92
CA ARG A 231 16.77 -15.66 3.18
C ARG A 231 16.32 -14.80 2.00
N ALA A 232 15.62 -15.43 1.07
CA ALA A 232 15.04 -14.71 -0.06
C ALA A 232 13.89 -13.84 0.41
N PRO A 233 13.58 -12.79 -0.35
CA PRO A 233 12.52 -11.88 0.08
C PRO A 233 11.14 -12.51 0.14
N LEU A 234 10.30 -11.88 0.96
CA LEU A 234 8.89 -12.21 1.08
C LEU A 234 8.05 -11.00 0.66
N ILE A 235 6.84 -11.27 0.19
CA ILE A 235 5.81 -10.26 0.02
C ILE A 235 4.68 -10.61 0.99
N LEU A 236 4.24 -9.64 1.77
CA LEU A 236 3.15 -9.87 2.73
C LEU A 236 2.14 -8.75 2.66
N VAL A 237 0.88 -9.12 2.48
CA VAL A 237 -0.24 -8.19 2.47
C VAL A 237 -1.18 -8.60 3.59
N THR A 238 -1.52 -7.65 4.46
CA THR A 238 -2.44 -7.91 5.56
C THR A 238 -3.49 -6.81 5.55
N TYR A 239 -4.74 -7.20 5.29
CA TYR A 239 -5.90 -6.30 5.27
C TYR A 239 -6.88 -6.71 6.37
N PHE A 240 -7.41 -5.72 7.08
CA PHE A 240 -8.34 -6.02 8.15
C PHE A 240 -9.42 -4.96 8.22
N THR A 241 -10.65 -5.41 8.46
CA THR A 241 -11.75 -4.46 8.58
C THR A 241 -12.74 -5.03 9.59
N GLN A 242 -13.58 -4.14 10.13
CA GLN A 242 -14.43 -4.46 11.24
C GLN A 242 -15.89 -4.11 10.96
N PRO A 243 -16.82 -4.64 11.77
CA PRO A 243 -18.24 -4.42 11.47
C PRO A 243 -18.78 -3.07 11.91
N GLN A 244 -18.14 -2.41 12.87
CA GLN A 244 -18.72 -1.15 13.39
C GLN A 244 -18.12 0.06 12.68
N PRO A 245 -18.94 1.06 12.36
CA PRO A 245 -18.40 2.22 11.62
C PRO A 245 -17.29 2.97 12.36
N LYS A 246 -17.40 3.11 13.67
CA LYS A 246 -16.43 3.86 14.45
C LYS A 246 -15.44 2.97 15.19
N ALA A 247 -15.22 1.74 14.71
CA ALA A 247 -14.23 0.88 15.32
C ALA A 247 -12.84 1.52 15.28
N GLU A 248 -12.05 1.29 16.33
CA GLU A 248 -10.68 1.76 16.41
C GLU A 248 -9.77 0.87 15.56
N SER A 249 -8.66 1.46 15.07
CA SER A 249 -7.68 0.67 14.32
C SER A 249 -7.12 -0.44 15.19
N ARG A 250 -6.74 -1.55 14.55
CA ARG A 250 -6.16 -2.72 15.23
C ARG A 250 -4.86 -3.13 14.52
N ARG A 251 -3.81 -2.31 14.68
CA ARG A 251 -2.51 -2.67 14.12
C ARG A 251 -1.95 -3.93 14.76
N ASP A 252 -2.36 -4.25 15.98
CA ASP A 252 -1.90 -5.46 16.63
C ASP A 252 -2.34 -6.71 15.89
N VAL A 253 -3.49 -6.66 15.21
CA VAL A 253 -3.95 -7.81 14.45
C VAL A 253 -3.03 -8.07 13.28
N LEU A 254 -2.59 -7.00 12.61
CA LEU A 254 -1.64 -7.16 11.51
C LEU A 254 -0.32 -7.75 12.00
N ALA A 255 0.19 -7.25 13.14
CA ALA A 255 1.45 -7.77 13.69
C ALA A 255 1.31 -9.26 14.00
N SER A 256 0.19 -9.64 14.61
CA SER A 256 -0.01 -11.03 14.95
C SER A 256 -0.11 -11.90 13.71
N ALA A 257 -0.79 -11.42 12.68
CA ALA A 257 -0.86 -12.18 11.44
C ALA A 257 0.53 -12.36 10.83
N ALA A 258 1.35 -11.30 10.85
CA ALA A 258 2.70 -11.39 10.33
C ALA A 258 3.51 -12.43 11.09
N LYS A 259 3.33 -12.48 12.41
CA LYS A 259 4.10 -13.43 13.21
C LYS A 259 3.66 -14.85 12.91
N ILE A 260 2.35 -15.05 12.74
CA ILE A 260 1.83 -16.39 12.45
C ILE A 260 2.37 -16.90 11.12
N VAL A 261 2.34 -16.08 10.07
CA VAL A 261 2.68 -16.66 8.77
C VAL A 261 4.18 -16.75 8.52
N THR A 262 5.01 -16.06 9.32
CA THR A 262 6.44 -16.15 9.14
C THR A 262 7.13 -17.08 10.14
N ASP A 263 6.40 -17.62 11.11
CA ASP A 263 7.01 -18.56 12.04
C ASP A 263 7.63 -19.73 11.28
N GLY A 264 8.78 -20.21 11.75
C16 TVE B . -2.70 7.74 8.19
C17 TVE B . -2.18 6.80 7.26
C18 TVE B . -0.96 5.94 7.54
C22 TVE B . -3.50 8.15 5.94
C23 TVE B . -3.49 8.73 7.41
C24 TVE B . -4.83 8.85 8.02
C25 TVE B . -4.74 7.40 5.38
C26 TVE B . -5.62 8.30 4.48
C27 TVE B . -6.09 9.51 5.20
C29 TVE B . -4.32 6.15 4.55
N21 TVE B . -2.41 7.20 6.00
O19 TVE B . -0.82 4.93 6.94
O20 TVE B . -0.27 6.45 8.37
O28 TVE B . -4.87 8.81 3.53
O30 TVE B . -4.75 5.11 4.92
S15 TVE B . -3.71 6.77 9.16
H161 TVE B . -2.04 8.10 8.75
H231 TVE B . -3.06 9.56 7.41
H242 TVE B . -5.33 8.06 7.96
H243 TVE B . -5.33 9.54 7.61
H241 TVE B . -4.74 9.06 8.93
H251 TVE B . -5.26 7.10 6.11
H261 TVE B . -6.35 7.83 4.13
H271 TVE B . -6.48 9.30 6.02
H272 TVE B . -6.74 10.01 4.74
H273 TVE B . -5.40 10.13 5.39
C1 TVE B . -3.19 6.74 10.81
C2 TVE B . -3.16 8.07 11.45
C3 TVE B . -4.42 8.23 12.39
H281 TVE B . -5.34 9.00 2.86
N1 TVE B . -4.96 6.88 12.53
C5 TVE B . -4.26 5.94 11.57
C4 TVE B . -5.45 9.24 11.75
O1 TVE B . -6.38 8.72 11.21
H10 TVE B . -5.82 6.90 12.42
N2 TVE B . -5.31 10.62 11.71
H12 TVE B . -4.83 5.58 10.92
H3 TVE B . -2.37 8.17 11.94
H4 TVE B . -4.61 10.93 12.11
H6 TVE B . -2.38 6.25 10.83
H8 TVE B . -3.19 8.72 10.79
H9 TVE B . -4.24 8.56 13.26
H11 TVE B . -3.85 5.22 11.99
H221 TVE B . -3.36 8.81 5.29
CL CL C . -19.75 2.20 15.95
NA NA D . -3.97 -4.93 -6.46
#